data_2VIP
#
_entry.id   2VIP
#
_cell.length_a   52.488
_cell.length_b   54.382
_cell.length_c   81.029
_cell.angle_alpha   90.00
_cell.angle_beta   90.00
_cell.angle_gamma   90.00
#
_symmetry.space_group_name_H-M   'P 21 21 21'
#
loop_
_entity.id
_entity.type
_entity.pdbx_description
1 polymer 'UROKINASE-TYPE PLASMINOGEN ACTIVATOR CHAIN B'
2 non-polymer 'ACETATE ION'
3 non-polymer 'SULFATE ION'
4 non-polymer 4-(2-AMINOETHOXY)-3,5-DICHLORO-N-[3-(1-METHYLETHOXY)PHENYL]BENZAMIDE
5 water water
#
_entity_poly.entity_id   1
_entity_poly.type   'polypeptide(L)'
_entity_poly.pdbx_seq_one_letter_code
;IIGGEFTTIENQPWFAAIYRRHRGGSVTYVCGGSLISPCWVISATHCFIDYPKKEDYIVYLGRSRLNSNTQGEMKFEVEN
LILHKDYSADTLAHHNDIALLKIRSKEGRCAQPSRTIQTISLPSMYNDPQFGTSCEITGFGKENSTDYLYPEQLKMTVVK
LISHRECQQPHYYGSEVTTKMLCAADPQWKTDSCQGDSGGPLVCSLQGRMTLTGIVSWGRGCALKDKPGVYTRVSHFLPW
IRSHTKEENGLAL
;
_entity_poly.pdbx_strand_id   A
#
loop_
_chem_comp.id
_chem_comp.type
_chem_comp.name
_chem_comp.formula
ACT non-polymer 'ACETATE ION' 'C2 H3 O2 -1'
L1R non-polymer 4-(2-AMINOETHOXY)-3,5-DICHLORO-N-[3-(1-METHYLETHOXY)PHENYL]BENZAMIDE 'C18 H20 Cl2 N2 O3'
SO4 non-polymer 'SULFATE ION' 'O4 S -2'
#
# COMPACT_ATOMS: atom_id res chain seq x y z
N ILE A 1 -9.58 -0.21 6.02
CA ILE A 1 -10.17 1.12 5.70
C ILE A 1 -11.38 1.43 6.58
N ILE A 2 -11.29 2.53 7.34
CA ILE A 2 -12.40 3.05 8.12
C ILE A 2 -13.25 3.87 7.17
N GLY A 3 -14.57 3.70 7.21
CA GLY A 3 -15.42 4.48 6.33
C GLY A 3 -15.21 3.98 4.92
N GLY A 4 -15.49 4.83 3.95
CA GLY A 4 -15.26 4.46 2.56
C GLY A 4 -16.36 3.52 2.08
N GLU A 5 -16.04 2.72 1.06
CA GLU A 5 -17.01 1.84 0.44
C GLU A 5 -16.37 0.51 0.05
N PHE A 6 -17.19 -0.53 -0.01
CA PHE A 6 -16.74 -1.77 -0.62
C PHE A 6 -16.51 -1.51 -2.09
N THR A 7 -15.52 -2.20 -2.67
CA THR A 7 -15.22 -1.96 -4.06
C THR A 7 -14.95 -3.32 -4.68
N THR A 8 -14.53 -3.37 -5.93
CA THR A 8 -14.07 -4.64 -6.50
C THR A 8 -12.82 -4.38 -7.30
N ILE A 9 -12.05 -5.43 -7.55
CA ILE A 9 -10.75 -5.26 -8.22
C ILE A 9 -10.77 -4.51 -9.57
N GLU A 10 -11.86 -4.63 -10.37
CA GLU A 10 -11.93 -3.90 -11.66
C GLU A 10 -11.76 -2.38 -11.48
N ASN A 11 -12.09 -1.90 -10.29
CA ASN A 11 -11.94 -0.47 -9.99
C ASN A 11 -10.58 -0.13 -9.43
N GLN A 12 -9.79 -1.15 -9.09
CA GLN A 12 -8.47 -0.96 -8.45
C GLN A 12 -7.53 -2.01 -9.02
N PRO A 13 -7.37 -2.08 -10.35
CA PRO A 13 -6.81 -3.31 -10.91
C PRO A 13 -5.29 -3.50 -10.70
N TRP A 14 -4.62 -2.47 -10.20
CA TRP A 14 -3.21 -2.54 -9.83
C TRP A 14 -3.07 -3.09 -8.40
N PHE A 15 -4.18 -3.29 -7.69
CA PHE A 15 -4.03 -3.70 -6.27
C PHE A 15 -3.58 -5.17 -6.13
N ALA A 16 -2.58 -5.42 -5.28
CA ALA A 16 -2.04 -6.75 -5.08
C ALA A 16 -2.32 -7.16 -3.60
N ALA A 17 -2.82 -8.39 -3.45
CA ALA A 17 -3.17 -8.89 -2.11
C ALA A 17 -2.05 -9.86 -1.67
N ILE A 18 -1.37 -9.52 -0.58
CA ILE A 18 -0.16 -10.27 -0.17
C ILE A 18 -0.38 -11.10 1.08
N TYR A 19 -0.11 -12.41 0.98
CA TYR A 19 -0.33 -13.33 2.12
C TYR A 19 0.92 -14.08 2.49
N ARG A 20 0.90 -14.66 3.70
CA ARG A 20 2.01 -15.47 4.16
C ARG A 20 1.54 -16.88 4.58
N ARG A 21 2.25 -17.91 4.11
CA ARG A 21 2.01 -19.31 4.52
C ARG A 21 2.74 -19.64 5.81
N HIS A 22 2.09 -20.44 6.66
CA HIS A 22 2.66 -20.82 7.94
C HIS A 22 2.88 -22.33 7.95
N ARG A 23 3.88 -22.77 8.71
CA ARG A 23 3.98 -24.18 9.07
C ARG A 23 2.63 -24.66 9.58
N GLY A 24 2.17 -25.78 9.02
CA GLY A 24 0.84 -26.28 9.28
C GLY A 24 -0.02 -26.00 8.08
N GLY A 25 0.41 -25.04 7.27
CA GLY A 25 -0.21 -24.83 5.98
C GLY A 25 -1.26 -23.70 5.92
N SER A 26 -1.51 -23.06 7.06
CA SER A 26 -2.54 -22.00 7.07
C SER A 26 -1.93 -20.75 6.42
N VAL A 27 -2.77 -19.99 5.71
CA VAL A 27 -2.32 -18.80 4.99
C VAL A 27 -3.05 -17.59 5.60
N THR A 28 -2.31 -16.55 5.98
CA THR A 28 -2.97 -15.35 6.53
C THR A 28 -2.66 -14.16 5.63
N TYR A 29 -3.52 -13.15 5.68
CA TYR A 29 -3.26 -11.91 4.93
C TYR A 29 -2.19 -11.11 5.61
N VAL A 30 -1.34 -10.48 4.82
CA VAL A 30 -0.23 -9.70 5.39
C VAL A 30 -0.42 -8.21 5.14
N CYS A 31 -0.49 -7.84 3.85
CA CYS A 31 -0.51 -6.41 3.47
C CYS A 31 -0.99 -6.27 2.02
N GLY A 32 -1.35 -5.06 1.65
CA GLY A 32 -1.56 -4.69 0.26
C GLY A 32 -0.23 -4.39 -0.46
N GLY A 33 -0.32 -4.18 -1.76
CA GLY A 33 0.78 -3.90 -2.66
C GLY A 33 0.17 -3.32 -3.93
N SER A 34 1.03 -2.85 -4.83
CA SER A 34 0.56 -2.26 -6.12
C SER A 34 1.45 -2.77 -7.28
N LEU A 35 0.82 -3.22 -8.37
CA LEU A 35 1.58 -3.70 -9.52
C LEU A 35 2.18 -2.50 -10.28
N ILE A 36 3.49 -2.31 -10.25
CA ILE A 36 4.08 -1.18 -10.98
C ILE A 36 4.67 -1.59 -12.35
N SER A 37 4.87 -2.88 -12.56
CA SER A 37 5.08 -3.44 -13.92
C SER A 37 4.73 -4.92 -13.85
N PRO A 38 4.80 -5.62 -15.00
CA PRO A 38 4.24 -6.97 -14.88
C PRO A 38 4.92 -7.90 -13.87
N CYS A 39 6.25 -7.75 -13.68
CA CYS A 39 7.01 -8.57 -12.76
C CYS A 39 7.16 -8.00 -11.34
N TRP A 40 6.68 -6.79 -11.11
CA TRP A 40 7.03 -6.09 -9.87
C TRP A 40 5.84 -5.54 -9.17
N VAL A 41 5.76 -5.89 -7.89
CA VAL A 41 4.79 -5.31 -6.97
C VAL A 41 5.57 -4.48 -5.95
N ILE A 42 5.02 -3.33 -5.60
CA ILE A 42 5.68 -2.47 -4.60
C ILE A 42 4.80 -2.39 -3.35
N SER A 43 5.43 -2.47 -2.19
CA SER A 43 4.71 -2.55 -0.91
C SER A 43 5.53 -1.82 0.17
N ALA A 44 5.34 -2.16 1.45
CA ALA A 44 6.07 -1.53 2.57
C ALA A 44 6.99 -2.56 3.20
N THR A 45 8.23 -2.16 3.50
CA THR A 45 9.14 -3.03 4.24
C THR A 45 8.60 -3.58 5.55
N HIS A 46 7.88 -2.78 6.34
CA HIS A 46 7.49 -3.25 7.67
C HIS A 46 6.62 -4.49 7.61
N CYS A 47 5.96 -4.69 6.45
CA CYS A 47 5.12 -5.87 6.24
C CYS A 47 5.91 -7.18 6.31
N PHE A 48 7.22 -7.11 6.05
CA PHE A 48 8.03 -8.33 5.76
C PHE A 48 9.27 -8.50 6.65
N ILE A 49 9.67 -7.42 7.31
CA ILE A 49 10.97 -7.34 8.00
C ILE A 49 11.19 -8.43 9.06
N ASP A 50 10.12 -8.86 9.73
CA ASP A 50 10.19 -9.91 10.75
C ASP A 50 10.20 -11.32 10.17
N TYR A 51 9.78 -11.44 8.92
CA TYR A 51 9.74 -12.70 8.18
C TYR A 51 10.24 -12.45 6.77
N PRO A 52 11.55 -12.21 6.63
CA PRO A 52 12.06 -11.77 5.33
C PRO A 52 12.29 -12.89 4.32
N LYS A 53 11.64 -14.02 4.49
CA LYS A 53 11.89 -15.19 3.64
C LYS A 53 10.90 -15.26 2.46
N LYS A 54 11.36 -14.94 1.25
CA LYS A 54 10.46 -14.82 0.11
C LYS A 54 9.57 -16.03 -0.12
N GLU A 55 10.07 -17.21 0.19
CA GLU A 55 9.33 -18.43 -0.04
C GLU A 55 8.00 -18.48 0.73
N ASP A 56 7.90 -17.69 1.80
CA ASP A 56 6.73 -17.72 2.69
C ASP A 56 5.53 -17.01 2.05
N TYR A 57 5.78 -16.22 1.00
CA TYR A 57 4.75 -15.29 0.54
C TYR A 57 3.99 -15.72 -0.70
N ILE A 58 2.73 -15.28 -0.78
CA ILE A 58 1.84 -15.54 -1.92
C ILE A 58 1.30 -14.16 -2.33
N VAL A 59 1.38 -13.83 -3.62
CA VAL A 59 0.73 -12.58 -4.08
C VAL A 59 -0.39 -12.92 -5.01
N TYR A 60 -1.54 -12.30 -4.79
CA TYR A 60 -2.64 -12.37 -5.76
C TYR A 60 -2.85 -11.04 -6.45
N LEU A 61 -3.10 -11.08 -7.77
CA LEU A 61 -3.56 -9.96 -8.57
C LEU A 61 -4.97 -10.35 -9.01
N GLY A 62 -5.80 -9.36 -9.32
CA GLY A 62 -7.15 -9.56 -9.82
C GLY A 62 -8.08 -10.13 -8.78
N ARG A 63 -7.74 -9.93 -7.52
CA ARG A 63 -8.55 -10.48 -6.45
C ARG A 63 -9.30 -9.44 -5.62
N SER A 64 -10.60 -9.68 -5.38
CA SER A 64 -11.49 -8.73 -4.69
C SER A 64 -11.91 -9.19 -3.29
N ARG A 65 -11.73 -10.46 -3.00
CA ARG A 65 -12.15 -11.03 -1.71
C ARG A 65 -10.97 -11.63 -1.00
N LEU A 66 -10.99 -11.51 0.32
CA LEU A 66 -9.89 -11.92 1.17
C LEU A 66 -9.66 -13.43 1.11
N ASN A 67 -10.72 -14.20 1.36
CA ASN A 67 -10.54 -15.62 1.61
C ASN A 67 -11.30 -16.48 0.64
N SER A 68 -11.68 -15.89 -0.48
CA SER A 68 -12.24 -16.66 -1.57
C SER A 68 -11.75 -16.16 -2.93
N ASN A 69 -12.06 -16.92 -3.97
CA ASN A 69 -11.51 -16.68 -5.29
C ASN A 69 -12.31 -15.67 -6.10
N THR A 70 -11.61 -14.98 -7.00
CA THR A 70 -12.24 -14.03 -7.90
C THR A 70 -11.96 -14.49 -9.31
N GLN A 71 -13.00 -14.50 -10.13
CA GLN A 71 -12.83 -14.78 -11.55
C GLN A 71 -11.74 -13.93 -12.19
N GLY A 72 -10.77 -14.57 -12.82
CA GLY A 72 -9.68 -13.88 -13.50
C GLY A 72 -8.48 -13.54 -12.61
N GLU A 73 -8.56 -13.92 -11.34
CA GLU A 73 -7.43 -13.71 -10.43
C GLU A 73 -6.24 -14.54 -10.86
N MET A 74 -5.05 -14.09 -10.49
CA MET A 74 -3.82 -14.81 -10.80
C MET A 74 -2.91 -14.87 -9.55
N LYS A 75 -2.40 -16.07 -9.31
CA LYS A 75 -1.59 -16.35 -8.13
C LYS A 75 -0.09 -16.34 -8.48
N PHE A 76 0.76 -15.76 -7.61
CA PHE A 76 2.19 -15.69 -7.85
C PHE A 76 2.98 -16.04 -6.59
N GLU A 77 4.20 -16.53 -6.80
CA GLU A 77 5.12 -16.58 -5.72
C GLU A 77 6.07 -15.44 -5.85
N VAL A 78 6.95 -15.30 -4.87
CA VAL A 78 7.86 -14.19 -4.84
C VAL A 78 9.24 -14.70 -5.21
N GLU A 79 9.76 -14.17 -6.31
CA GLU A 79 11.02 -14.60 -6.85
C GLU A 79 12.14 -13.82 -6.17
N ASN A 80 11.86 -12.59 -5.78
CA ASN A 80 12.82 -11.76 -5.10
C ASN A 80 12.07 -10.82 -4.15
N LEU A 81 12.43 -10.88 -2.87
CA LEU A 81 11.87 -9.96 -1.88
C LEU A 81 12.94 -8.94 -1.52
N ILE A 82 12.71 -7.70 -1.90
CA ILE A 82 13.71 -6.65 -1.69
C ILE A 82 13.21 -5.65 -0.64
N LEU A 83 13.92 -5.57 0.48
CA LEU A 83 13.53 -4.66 1.57
C LEU A 83 14.52 -3.51 1.56
N HIS A 84 14.11 -2.35 2.04
CA HIS A 84 14.95 -1.16 1.98
C HIS A 84 16.00 -1.27 3.10
N LYS A 85 17.27 -1.33 2.72
CA LYS A 85 18.33 -1.50 3.72
C LYS A 85 18.34 -0.49 4.89
N ASP A 86 17.77 0.70 4.67
CA ASP A 86 17.68 1.73 5.69
C ASP A 86 16.34 1.84 6.41
N TYR A 87 15.47 0.85 6.25
CA TYR A 87 14.21 0.79 6.99
C TYR A 87 14.46 0.95 8.48
N SER A 88 13.59 1.68 9.15
CA SER A 88 13.59 1.59 10.64
C SER A 88 12.26 2.03 11.18
N ALA A 89 12.00 1.67 12.44
CA ALA A 89 10.72 2.01 13.09
C ALA A 89 11.00 2.69 14.43
N ASP A 90 10.52 3.92 14.57
CA ASP A 90 10.54 4.61 15.84
C ASP A 90 9.21 4.28 16.51
N THR A 91 8.85 5.05 17.51
CA THR A 91 7.63 4.72 18.28
C THR A 91 6.41 4.81 17.38
N LEU A 92 6.39 5.80 16.49
CA LEU A 92 5.21 5.99 15.63
C LEU A 92 5.67 5.83 14.19
N ALA A 93 6.76 6.50 13.86
CA ALA A 93 7.18 6.66 12.48
C ALA A 93 7.95 5.45 11.92
N HIS A 94 7.60 5.02 10.71
CA HIS A 94 8.41 4.07 9.97
C HIS A 94 9.11 4.87 8.90
N HIS A 95 10.40 4.59 8.74
CA HIS A 95 11.25 5.27 7.78
C HIS A 95 11.64 4.30 6.67
N ASN A 96 11.78 4.85 5.46
CA ASN A 96 12.13 4.09 4.27
C ASN A 96 11.24 2.85 4.20
N ASP A 97 9.94 3.09 4.37
CA ASP A 97 8.98 1.99 4.46
C ASP A 97 8.52 1.56 3.07
N ILE A 98 9.39 0.84 2.37
CA ILE A 98 9.12 0.55 0.97
C ILE A 98 9.80 -0.75 0.64
N ALA A 99 9.16 -1.54 -0.22
CA ALA A 99 9.71 -2.83 -0.57
C ALA A 99 9.25 -3.19 -1.98
N LEU A 100 9.97 -4.12 -2.57
CA LEU A 100 9.66 -4.61 -3.90
C LEU A 100 9.59 -6.12 -3.85
N LEU A 101 8.58 -6.68 -4.52
CA LEU A 101 8.40 -8.12 -4.62
C LEU A 101 8.40 -8.45 -6.10
N LYS A 102 9.39 -9.21 -6.52
CA LYS A 102 9.38 -9.64 -7.91
C LYS A 102 8.52 -10.87 -7.95
N ILE A 103 7.46 -10.83 -8.75
CA ILE A 103 6.49 -11.94 -8.76
C ILE A 103 6.70 -12.91 -9.92
N ARG A 104 6.27 -14.15 -9.73
CA ARG A 104 6.28 -15.09 -10.85
C ARG A 104 5.37 -16.25 -10.58
N SER A 105 4.58 -16.58 -11.60
CA SER A 105 3.66 -17.71 -11.50
C SER A 105 4.44 -19.00 -11.35
N LYS A 106 3.72 -20.10 -11.09
CA LYS A 106 4.36 -21.42 -11.07
C LYS A 106 4.98 -21.80 -12.40
N GLU A 107 4.48 -21.24 -13.49
CA GLU A 107 5.01 -21.49 -14.84
C GLU A 107 6.16 -20.56 -15.17
N GLY A 108 6.46 -19.63 -14.27
CA GLY A 108 7.63 -18.78 -14.43
C GLY A 108 7.32 -17.48 -15.17
N ARG A 109 6.06 -17.11 -15.21
CA ARG A 109 5.63 -15.89 -15.89
C ARG A 109 5.28 -14.74 -14.95
N CYS A 110 5.33 -13.54 -15.49
CA CYS A 110 4.97 -12.36 -14.72
C CYS A 110 3.51 -12.12 -15.03
N ALA A 111 2.96 -10.98 -14.60
CA ALA A 111 1.53 -10.75 -14.67
C ALA A 111 1.16 -10.51 -16.11
N GLN A 112 -0.01 -11.03 -16.48
CA GLN A 112 -0.65 -10.75 -17.77
C GLN A 112 -1.82 -9.76 -17.59
N PRO A 113 -1.68 -8.53 -18.10
CA PRO A 113 -2.69 -7.48 -17.96
C PRO A 113 -4.01 -7.91 -18.56
N SER A 114 -5.11 -7.60 -17.86
CA SER A 114 -6.45 -7.96 -18.27
C SER A 114 -7.36 -6.83 -17.81
N ARG A 115 -8.67 -7.06 -17.81
CA ARG A 115 -9.59 -6.07 -17.25
C ARG A 115 -9.39 -5.82 -15.74
N THR A 116 -8.92 -6.83 -15.02
CA THR A 116 -8.88 -6.75 -13.56
C THR A 116 -7.44 -6.74 -13.04
N ILE A 117 -6.47 -6.80 -13.96
CA ILE A 117 -5.05 -6.74 -13.63
C ILE A 117 -4.34 -5.72 -14.54
N GLN A 118 -3.92 -4.59 -13.96
CA GLN A 118 -3.30 -3.50 -14.72
C GLN A 118 -2.19 -2.84 -13.87
N THR A 119 -1.11 -2.39 -14.50
CA THR A 119 -0.09 -1.59 -13.78
C THR A 119 -0.60 -0.17 -13.40
N ILE A 120 -0.01 0.42 -12.37
CA ILE A 120 -0.25 1.83 -12.02
C ILE A 120 1.05 2.58 -12.28
N SER A 121 0.96 3.78 -12.84
CA SER A 121 2.17 4.56 -13.14
C SER A 121 2.85 5.04 -11.87
N LEU A 122 4.18 5.12 -11.94
CA LEU A 122 4.93 5.75 -10.86
C LEU A 122 4.90 7.27 -11.07
N PRO A 123 5.09 8.05 -9.99
CA PRO A 123 5.17 9.50 -10.15
C PRO A 123 6.54 9.87 -10.75
N SER A 124 6.68 11.12 -11.15
CA SER A 124 7.99 11.64 -11.49
C SER A 124 8.64 12.44 -10.35
N MET A 125 9.95 12.65 -10.45
CA MET A 125 10.74 13.18 -9.35
C MET A 125 10.19 14.47 -8.81
N TYR A 126 9.95 14.50 -7.50
CA TYR A 126 9.50 15.71 -6.84
C TYR A 126 8.36 16.43 -7.59
N ASN A 127 7.37 15.65 -7.98
CA ASN A 127 6.13 16.15 -8.60
C ASN A 127 4.96 15.41 -8.00
N ASP A 128 4.59 15.83 -6.81
CA ASP A 128 3.47 15.28 -6.10
C ASP A 128 2.34 16.27 -6.18
N PRO A 129 1.10 15.77 -6.04
CA PRO A 129 -0.03 16.70 -6.15
C PRO A 129 0.09 17.75 -5.05
N GLN A 130 -0.56 18.89 -5.21
CA GLN A 130 -0.56 19.89 -4.16
C GLN A 130 -1.40 19.49 -2.94
N PHE A 131 -1.09 20.02 -1.76
CA PHE A 131 -1.91 19.71 -0.60
C PHE A 131 -3.34 20.18 -0.85
N GLY A 132 -4.29 19.44 -0.29
CA GLY A 132 -5.69 19.64 -0.56
C GLY A 132 -6.21 18.74 -1.69
N THR A 133 -5.30 18.13 -2.44
CA THR A 133 -5.68 17.19 -3.53
C THR A 133 -6.36 15.97 -2.92
N SER A 134 -7.43 15.49 -3.58
CA SER A 134 -8.10 14.26 -3.16
C SER A 134 -7.42 13.07 -3.82
N CYS A 135 -7.14 12.02 -3.05
CA CYS A 135 -6.56 10.80 -3.60
C CYS A 135 -7.32 9.62 -3.02
N GLU A 136 -7.15 8.45 -3.63
CA GLU A 136 -7.82 7.24 -3.10
C GLU A 136 -6.84 6.25 -2.45
N ILE A 137 -7.35 5.50 -1.47
CA ILE A 137 -6.58 4.35 -0.98
C ILE A 137 -7.49 3.12 -1.07
N THR A 138 -6.86 1.94 -1.12
CA THR A 138 -7.59 0.68 -1.22
C THR A 138 -6.92 -0.32 -0.29
N GLY A 139 -7.70 -1.23 0.27
CA GLY A 139 -7.15 -2.27 1.08
C GLY A 139 -8.21 -3.11 1.77
N PHE A 140 -7.71 -4.20 2.36
CA PHE A 140 -8.44 -5.17 3.11
C PHE A 140 -8.24 -4.91 4.62
N GLY A 141 -7.75 -3.73 4.99
CA GLY A 141 -7.49 -3.41 6.41
C GLY A 141 -8.76 -3.28 7.26
N LYS A 142 -8.60 -3.07 8.57
CA LYS A 142 -9.71 -3.07 9.52
C LYS A 142 -10.70 -1.96 9.16
N GLU A 143 -11.98 -2.21 9.42
CA GLU A 143 -13.05 -1.22 9.22
C GLU A 143 -13.25 -0.39 10.50
N ASN A 144 -12.79 -0.94 11.63
CA ASN A 144 -12.88 -0.30 12.95
C ASN A 144 -11.64 -0.71 13.75
N SER A 145 -11.12 0.19 14.59
CA SER A 145 -9.90 -0.12 15.32
C SER A 145 -10.10 -1.31 16.28
N THR A 146 -11.35 -1.53 16.71
CA THR A 146 -11.64 -2.58 17.66
C THR A 146 -11.87 -3.92 16.96
N ASP A 147 -11.90 -3.92 15.62
CA ASP A 147 -12.02 -5.20 14.92
C ASP A 147 -10.76 -6.03 15.16
N TYR A 148 -10.90 -7.36 15.23
CA TYR A 148 -9.73 -8.24 15.22
C TYR A 148 -9.60 -9.02 13.90
N LEU A 149 -10.63 -8.98 13.07
CA LEU A 149 -10.58 -9.60 11.75
C LEU A 149 -10.69 -8.52 10.65
N TYR A 150 -10.16 -8.84 9.48
CA TYR A 150 -10.28 -7.98 8.30
C TYR A 150 -11.60 -8.21 7.52
N PRO A 151 -12.08 -7.17 6.79
CA PRO A 151 -13.26 -7.36 5.94
C PRO A 151 -12.97 -8.40 4.86
N GLU A 152 -13.99 -9.14 4.46
CA GLU A 152 -13.86 -10.09 3.36
C GLU A 152 -13.80 -9.45 1.97
N GLN A 153 -14.38 -8.26 1.84
CA GLN A 153 -14.43 -7.56 0.56
C GLN A 153 -13.52 -6.31 0.55
N LEU A 154 -12.79 -6.14 -0.55
CA LEU A 154 -11.89 -5.01 -0.76
C LEU A 154 -12.70 -3.70 -0.55
N LYS A 155 -12.05 -2.70 0.06
CA LYS A 155 -12.61 -1.37 0.28
C LYS A 155 -11.72 -0.33 -0.36
N MET A 156 -12.29 0.85 -0.53
CA MET A 156 -11.54 2.01 -0.98
CA MET A 156 -11.52 2.00 -0.93
C MET A 156 -12.10 3.21 -0.25
N THR A 157 -11.34 4.30 -0.27
CA THR A 157 -11.88 5.55 0.22
C THR A 157 -11.07 6.65 -0.38
N VAL A 158 -11.52 7.86 -0.11
CA VAL A 158 -10.87 9.03 -0.64
C VAL A 158 -10.46 9.92 0.55
N VAL A 159 -9.22 10.36 0.52
CA VAL A 159 -8.66 11.24 1.56
C VAL A 159 -7.97 12.43 0.89
N LYS A 160 -7.75 13.51 1.63
CA LYS A 160 -7.08 14.70 1.09
C LYS A 160 -5.65 14.81 1.57
N LEU A 161 -4.74 15.16 0.68
CA LEU A 161 -3.33 15.34 1.04
C LEU A 161 -3.21 16.48 2.03
N ILE A 162 -2.43 16.27 3.06
CA ILE A 162 -2.16 17.31 4.06
C ILE A 162 -0.74 17.87 3.89
N SER A 163 -0.58 19.18 4.03
CA SER A 163 0.77 19.72 3.87
C SER A 163 1.77 19.19 4.90
N HIS A 164 3.05 19.19 4.53
CA HIS A 164 4.08 18.84 5.50
C HIS A 164 4.05 19.80 6.69
N ARG A 165 3.85 21.08 6.44
CA ARG A 165 3.74 22.09 7.50
C ARG A 165 2.63 21.81 8.53
N GLU A 166 1.46 21.41 8.05
CA GLU A 166 0.38 21.07 8.93
C GLU A 166 0.67 19.75 9.68
N CYS A 167 1.08 18.73 8.91
CA CYS A 167 1.39 17.47 9.52
C CYS A 167 2.43 17.54 10.63
N GLN A 168 3.32 18.54 10.56
CA GLN A 168 4.36 18.70 11.56
C GLN A 168 3.95 19.58 12.75
N GLN A 169 2.69 20.01 12.81
CA GLN A 169 2.22 20.74 13.96
C GLN A 169 2.29 19.87 15.21
N PRO A 170 2.48 20.50 16.37
CA PRO A 170 2.57 19.73 17.62
C PRO A 170 1.43 18.74 17.87
N HIS A 171 0.17 19.08 17.54
CA HIS A 171 -0.96 18.17 17.86
C HIS A 171 -1.17 17.11 16.80
N TYR A 172 -0.46 17.28 15.68
CA TYR A 172 -0.38 16.27 14.64
C TYR A 172 0.80 15.34 14.97
N TYR A 173 1.87 15.41 14.19
CA TYR A 173 3.00 14.54 14.44
C TYR A 173 4.31 15.24 14.80
N GLY A 174 4.31 16.57 14.82
CA GLY A 174 5.55 17.29 15.10
C GLY A 174 6.64 16.84 14.13
N SER A 175 7.87 16.74 14.64
CA SER A 175 9.01 16.41 13.79
C SER A 175 9.15 14.94 13.44
N GLU A 176 8.22 14.10 13.95
CA GLU A 176 8.28 12.67 13.61
C GLU A 176 7.95 12.39 12.15
N VAL A 177 7.16 13.26 11.54
CA VAL A 177 6.82 13.08 10.11
C VAL A 177 7.82 13.88 9.27
N THR A 178 8.41 13.23 8.28
CA THR A 178 9.50 13.86 7.51
C THR A 178 9.07 14.21 6.08
N THR A 179 10.00 14.81 5.31
CA THR A 179 9.70 15.22 3.93
C THR A 179 9.63 14.02 3.01
N LYS A 180 10.12 12.90 3.47
CA LYS A 180 10.05 11.65 2.70
C LYS A 180 8.71 10.93 2.90
N MET A 181 7.83 11.54 3.70
CA MET A 181 6.49 10.98 3.97
C MET A 181 5.41 11.97 3.54
N LEU A 182 4.22 11.43 3.28
CA LEU A 182 3.02 12.23 2.97
C LEU A 182 1.90 11.92 3.94
N CYS A 183 1.24 12.97 4.45
CA CYS A 183 0.06 12.78 5.30
C CYS A 183 -1.18 12.96 4.46
N ALA A 184 -2.22 12.20 4.77
CA ALA A 184 -3.53 12.37 4.09
C ALA A 184 -4.57 11.94 5.09
N ALA A 185 -5.71 12.61 5.08
CA ALA A 185 -6.76 12.32 6.06
C ALA A 185 -8.06 12.89 5.48
N ASP A 186 -9.13 12.65 6.21
CA ASP A 186 -10.44 13.17 5.91
C ASP A 186 -10.57 14.42 6.81
N PRO A 187 -11.09 15.54 6.25
CA PRO A 187 -11.19 16.76 7.07
C PRO A 187 -12.10 16.61 8.29
N GLN A 188 -13.03 15.65 8.24
CA GLN A 188 -13.88 15.39 9.42
C GLN A 188 -13.46 14.14 10.21
N TRP A 189 -12.30 13.57 9.86
CA TRP A 189 -11.73 12.41 10.58
C TRP A 189 -12.68 11.19 10.58
N LYS A 190 -13.40 10.98 9.48
CA LYS A 190 -14.37 9.87 9.40
C LYS A 190 -13.90 8.70 8.55
N THR A 191 -12.85 8.90 7.76
CA THR A 191 -12.39 7.79 6.95
C THR A 191 -10.84 7.80 6.92
N ASP A 192 -10.22 6.62 6.83
CA ASP A 192 -8.76 6.54 6.99
C ASP A 192 -8.31 5.14 6.62
N SER A 193 -7.02 5.00 6.31
CA SER A 193 -6.37 3.68 6.37
C SER A 193 -6.36 3.11 7.82
N CYS A 194 -6.19 1.80 7.95
CA CYS A 194 -6.10 1.18 9.27
C CYS A 194 -5.24 -0.08 9.18
N GLN A 195 -4.95 -0.69 10.33
CA GLN A 195 -4.15 -1.93 10.38
C GLN A 195 -4.63 -2.89 9.28
N GLY A 196 -3.68 -3.37 8.47
CA GLY A 196 -3.97 -4.31 7.38
C GLY A 196 -4.00 -3.64 6.01
N ASP A 197 -4.07 -2.32 6.03
CA ASP A 197 -4.00 -1.55 4.78
C ASP A 197 -2.56 -1.25 4.39
N SER A 198 -1.60 -1.46 5.32
CA SER A 198 -0.18 -1.24 5.03
C SER A 198 0.28 -1.82 3.70
N GLY A 199 1.13 -1.07 2.99
CA GLY A 199 1.73 -1.56 1.76
C GLY A 199 0.88 -1.21 0.56
N GLY A 200 -0.41 -0.90 0.79
CA GLY A 200 -1.36 -0.65 -0.28
C GLY A 200 -1.14 0.73 -0.89
N PRO A 201 -1.83 1.04 -2.00
CA PRO A 201 -1.56 2.32 -2.70
C PRO A 201 -2.32 3.54 -2.14
N LEU A 202 -1.70 4.68 -2.28
CA LEU A 202 -2.44 5.94 -2.25
C LEU A 202 -2.32 6.51 -3.70
N VAL A 203 -3.43 6.56 -4.41
CA VAL A 203 -3.41 6.83 -5.85
C VAL A 203 -3.93 8.25 -6.09
N CYS A 204 -3.15 9.10 -6.76
CA CYS A 204 -3.68 10.45 -7.06
C CYS A 204 -3.70 10.61 -8.56
N SER A 205 -4.71 11.31 -9.05
CA SER A 205 -4.78 11.64 -10.48
C SER A 205 -3.91 12.87 -10.73
N LEU A 206 -2.82 12.70 -11.47
CA LEU A 206 -1.85 13.76 -11.69
C LEU A 206 -1.69 13.95 -13.20
N GLN A 207 -2.01 15.15 -13.67
CA GLN A 207 -1.93 15.47 -15.09
C GLN A 207 -2.62 14.42 -15.96
N GLY A 208 -3.83 14.02 -15.55
CA GLY A 208 -4.65 13.05 -16.25
C GLY A 208 -4.16 11.61 -16.21
N ARG A 209 -3.32 11.31 -15.22
CA ARG A 209 -2.80 9.96 -15.10
C ARG A 209 -2.96 9.49 -13.66
N MET A 210 -3.50 8.28 -13.47
CA MET A 210 -3.51 7.68 -12.11
C MET A 210 -2.10 7.34 -11.69
N THR A 211 -1.67 7.93 -10.58
CA THR A 211 -0.26 7.83 -10.18
C THR A 211 -0.17 7.21 -8.79
N LEU A 212 0.79 6.31 -8.60
CA LEU A 212 1.10 5.80 -7.26
C LEU A 212 1.88 6.85 -6.44
N THR A 213 1.14 7.73 -5.77
CA THR A 213 1.74 8.81 -5.00
C THR A 213 2.31 8.34 -3.66
N GLY A 214 1.59 7.46 -2.99
CA GLY A 214 2.10 6.99 -1.72
C GLY A 214 1.87 5.52 -1.52
N ILE A 215 2.46 5.03 -0.43
CA ILE A 215 2.24 3.67 0.02
C ILE A 215 1.85 3.74 1.48
N VAL A 216 0.76 3.07 1.83
CA VAL A 216 0.27 3.08 3.24
C VAL A 216 1.38 2.64 4.18
N SER A 217 1.70 3.48 5.18
CA SER A 217 2.84 3.17 6.06
C SER A 217 2.53 3.17 7.58
N TRP A 218 2.04 4.28 8.11
CA TRP A 218 1.82 4.37 9.56
C TRP A 218 0.83 5.47 9.94
N GLY A 219 0.58 5.60 11.23
CA GLY A 219 -0.30 6.64 11.73
C GLY A 219 -0.54 6.30 13.20
N ARG A 220 -1.26 7.17 13.88
CA ARG A 220 -1.62 6.94 15.25
C ARG A 220 -3.13 6.64 15.27
N GLY A 221 -3.49 5.38 15.52
CA GLY A 221 -4.87 4.97 15.51
C GLY A 221 -5.42 5.06 14.12
N CYS A 222 -6.74 5.00 14.02
CA CYS A 222 -7.38 5.08 12.70
C CYS A 222 -8.53 6.08 12.77
N ALA A 223 -8.50 7.05 11.85
CA ALA A 223 -9.49 8.15 11.83
C ALA A 223 -9.60 8.84 13.20
N LEU A 224 -8.45 9.09 13.83
CA LEU A 224 -8.40 9.91 15.02
C LEU A 224 -8.13 11.36 14.68
N LYS A 225 -8.84 12.27 15.37
CA LYS A 225 -8.64 13.70 15.20
C LYS A 225 -7.18 14.11 15.28
N ASP A 226 -6.73 14.84 14.27
CA ASP A 226 -5.37 15.43 14.21
C ASP A 226 -4.30 14.39 13.99
N LYS A 227 -4.72 13.19 13.65
CA LYS A 227 -3.73 12.13 13.43
C LYS A 227 -3.95 11.52 12.04
N PRO A 228 -3.38 12.14 10.99
CA PRO A 228 -3.53 11.67 9.61
C PRO A 228 -2.93 10.27 9.37
N GLY A 229 -3.43 9.57 8.34
CA GLY A 229 -2.66 8.48 7.77
C GLY A 229 -1.33 8.99 7.24
N VAL A 230 -0.23 8.24 7.48
CA VAL A 230 1.08 8.58 6.91
C VAL A 230 1.51 7.56 5.84
N TYR A 231 2.10 8.09 4.80
CA TYR A 231 2.40 7.37 3.56
C TYR A 231 3.84 7.60 3.15
N THR A 232 4.48 6.54 2.69
CA THR A 232 5.80 6.67 2.05
C THR A 232 5.64 7.49 0.77
N ARG A 233 6.47 8.52 0.61
CA ARG A 233 6.35 9.40 -0.55
C ARG A 233 7.14 8.78 -1.71
N VAL A 234 6.43 8.10 -2.58
CA VAL A 234 7.06 7.23 -3.58
C VAL A 234 8.03 8.04 -4.47
N SER A 235 7.63 9.27 -4.80
CA SER A 235 8.47 10.12 -5.67
C SER A 235 9.89 10.31 -5.17
N HIS A 236 10.09 10.14 -3.87
CA HIS A 236 11.42 10.30 -3.27
C HIS A 236 12.27 9.04 -3.36
N PHE A 237 11.70 7.95 -3.85
CA PHE A 237 12.40 6.67 -3.89
C PHE A 237 12.64 6.20 -5.34
N LEU A 238 12.40 7.08 -6.29
CA LEU A 238 12.61 6.70 -7.70
C LEU A 238 13.99 6.12 -8.00
N PRO A 239 15.06 6.77 -7.51
CA PRO A 239 16.36 6.11 -7.74
C PRO A 239 16.45 4.70 -7.16
N TRP A 240 15.96 4.50 -5.93
CA TRP A 240 16.00 3.17 -5.30
C TRP A 240 15.15 2.13 -6.04
N ILE A 241 13.94 2.52 -6.47
CA ILE A 241 13.09 1.63 -7.25
C ILE A 241 13.82 1.30 -8.54
N ARG A 242 14.26 2.34 -9.25
CA ARG A 242 14.91 2.08 -10.55
C ARG A 242 16.09 1.11 -10.42
N SER A 243 16.90 1.29 -9.39
CA SER A 243 18.09 0.45 -9.28
C SER A 243 17.78 -1.01 -8.95
N HIS A 244 16.77 -1.23 -8.10
CA HIS A 244 16.43 -2.58 -7.68
C HIS A 244 15.57 -3.34 -8.68
N THR A 245 14.94 -2.62 -9.59
CA THR A 245 14.17 -3.29 -10.62
C THR A 245 15.05 -3.56 -11.83
N LYS A 246 16.18 -4.22 -11.58
CA LYS A 246 17.08 -4.64 -12.64
C LYS A 246 17.75 -5.99 -12.33
N GLU A 247 19.09 -6.04 -12.30
CA GLU A 247 19.81 -7.31 -12.30
C GLU A 247 21.18 -7.28 -11.65
N GLU A 248 21.78 -6.19 -11.54
C ACT B . -0.25 -3.82 8.74
O ACT B . -0.96 -2.84 8.43
OXT ACT B . 1.00 -3.78 8.70
CH3 ACT B . -0.91 -5.09 9.19
S SO4 C . 13.47 9.87 7.02
O1 SO4 C . 14.02 10.13 8.52
O2 SO4 C . 14.60 9.21 6.38
O3 SO4 C . 12.34 9.21 6.99
O4 SO4 C . 13.36 11.18 6.44
C1 L1R D . 2.62 -5.99 8.89
C1 L1R D . 8.16 -3.96 12.10
C2 L1R D . 2.68 -6.89 10.11
C2 L1R D . 7.15 -3.43 13.12
C3 L1R D . 3.40 -8.17 9.77
C3 L1R D . 7.81 -2.63 14.23
O4 L1R D . 3.51 -6.28 11.15
O4 L1R D . 6.25 -2.54 12.43
C5 L1R D . 3.45 -4.93 11.37
C5 L1R D . 4.98 -3.00 12.15
C6 L1R D . 4.66 -4.55 11.93
C6 L1R D . 4.67 -4.35 12.28
C7 L1R D . 4.89 -3.22 12.23
C7 L1R D . 3.39 -4.79 12.02
C8 L1R D . 3.91 -2.28 12.03
C8 L1R D . 2.40 -3.90 11.65
C9 L1R D . 2.69 -2.65 11.49
C9 L1R D . 2.70 -2.55 11.51
N10 L1R D . 1.69 -1.66 11.28
N10 L1R D . 1.67 -1.66 11.14
C11 L1R D . 0.38 -1.80 11.53
C11 L1R D . 0.40 -1.71 11.59
O12 L1R D . -0.10 -2.79 12.03
O12 L1R D . 0.00 -2.62 12.27
C13 L1R D . -0.51 -0.64 11.19
C13 L1R D . -0.50 -0.58 11.23
C14 L1R D . -1.56 -0.40 12.06
C14 L1R D . -1.44 -0.17 12.17
C15 L1R D . -2.43 0.66 11.83
C15 L1R D . -2.30 0.89 11.89
CL1 L1R D . -3.73 0.94 12.93
CL1 L1R D . -3.47 1.38 13.08
C17 L1R D . -2.23 1.47 10.70
C17 L1R D . -2.21 1.55 10.67
O18 L1R D . -3.03 2.55 10.42
O18 L1R D . -3.03 2.61 10.36
C19 L1R D . -2.46 3.85 10.61
C19 L1R D . -2.64 3.92 10.84
C20 L1R D . -3.24 4.86 9.81
C20 L1R D . -3.16 4.96 9.86
N21 L1R D . -4.58 5.12 10.39
N21 L1R D . -4.62 5.23 10.00
C22 L1R D . -1.17 1.24 9.84
C22 L1R D . -1.26 1.15 9.73
CL2 L1R D . -0.92 2.27 8.47
CL2 L1R D . -1.15 1.95 8.20
C24 L1R D . -0.30 0.18 10.08
C24 L1R D . -0.41 0.09 10.01
C25 L1R D . 2.46 -3.98 11.17
C25 L1R D . 3.99 -2.10 11.77
#